data_5TKQ
#
_entry.id   5TKQ
#
_cell.length_a   57.336
_cell.length_b   57.336
_cell.length_c   417.100
_cell.angle_alpha   90.00
_cell.angle_beta   90.00
_cell.angle_gamma   120.00
#
_symmetry.space_group_name_H-M   'P 65 2 2'
#
loop_
_entity.id
_entity.type
_entity.pdbx_description
1 polymer '3-hydroxyanthranilate 3,4-dioxygenase'
2 non-polymer 'ZINC ION'
3 non-polymer 'SULFATE ION'
4 water water
#
_entity_poly.entity_id   1
_entity_poly.type   'polypeptide(L)'
_entity_poly.pdbx_seq_one_letter_code
;GPGSMERRLGVRAWVKENRGSFQPPVCNKLMHQEQLKVMFIGGPNTRKDYHIEEGEEVFYQLEGDMVLRVLEQGKHRDVV
IRQGEIFLLPARVPHSPQRFANTVGLVVERRRLETELDGLRYYVGDTMDVLFEKWFYCKDLGTQLAPIIQEFFSSEQYRT
GKPIPDQLLKEPPFPLSTRSIMEPMSLDAWLDSHHRELQAGTPLSLFGDTYETQVIAYGQGSSEGLRQNVDVWLWQLEGS
SVVTMGGRRLSLAPDDSLLVLAGTSYAWERTQGSVALSVTQDPACKKPLG
;
_entity_poly.pdbx_strand_id   A
#
loop_
_chem_comp.id
_chem_comp.type
_chem_comp.name
_chem_comp.formula
SO4 non-polymer 'SULFATE ION' 'O4 S -2'
ZN non-polymer 'ZINC ION' 'Zn 2'
#
# COMPACT_ATOMS: atom_id res chain seq x y z
N ARG A 7 -16.57 -1.36 -15.19
CA ARG A 7 -15.81 -0.68 -14.15
C ARG A 7 -15.70 -1.52 -12.87
N ARG A 8 -16.77 -2.24 -12.47
CA ARG A 8 -16.74 -3.09 -11.28
C ARG A 8 -15.78 -4.25 -11.49
N LEU A 9 -14.88 -4.48 -10.52
CA LEU A 9 -13.92 -5.57 -10.60
C LEU A 9 -14.01 -6.41 -9.33
N GLY A 10 -14.30 -7.69 -9.49
CA GLY A 10 -14.31 -8.64 -8.37
C GLY A 10 -12.84 -8.86 -8.06
N VAL A 11 -12.42 -8.60 -6.81
CA VAL A 11 -10.99 -8.65 -6.44
C VAL A 11 -10.36 -10.02 -6.71
N ARG A 12 -10.92 -11.11 -6.15
CA ARG A 12 -10.37 -12.45 -6.37
C ARG A 12 -10.54 -12.88 -7.83
N ALA A 13 -11.61 -12.41 -8.53
CA ALA A 13 -11.80 -12.73 -9.96
C ALA A 13 -10.68 -12.06 -10.80
N TRP A 14 -10.29 -10.83 -10.45
CA TRP A 14 -9.23 -10.10 -11.14
C TRP A 14 -7.87 -10.79 -10.90
N VAL A 15 -7.63 -11.25 -9.65
CA VAL A 15 -6.42 -11.98 -9.26
C VAL A 15 -6.35 -13.29 -10.07
N LYS A 16 -7.48 -14.01 -10.22
CA LYS A 16 -7.51 -15.25 -11.00
C LYS A 16 -7.15 -14.99 -12.50
N GLU A 17 -7.77 -13.96 -13.11
CA GLU A 17 -7.54 -13.59 -14.52
C GLU A 17 -6.06 -13.21 -14.77
N ASN A 18 -5.41 -12.65 -13.76
CA ASN A 18 -4.04 -12.16 -13.85
C ASN A 18 -3.04 -13.01 -13.05
N ARG A 19 -3.43 -14.25 -12.71
CA ARG A 19 -2.62 -15.21 -11.94
C ARG A 19 -1.11 -15.25 -12.29
N GLY A 20 -0.80 -15.36 -13.58
CA GLY A 20 0.57 -15.44 -14.08
C GLY A 20 1.48 -14.26 -13.77
N SER A 21 0.89 -13.09 -13.48
CA SER A 21 1.65 -11.87 -13.12
C SER A 21 2.27 -11.98 -11.71
N PHE A 22 1.71 -12.84 -10.83
CA PHE A 22 2.14 -12.89 -9.42
C PHE A 22 3.26 -13.91 -9.11
N GLN A 23 4.27 -13.99 -10.00
CA GLN A 23 5.44 -14.84 -9.83
C GLN A 23 6.61 -14.20 -10.60
N PRO A 24 7.89 -14.62 -10.39
CA PRO A 24 9.00 -14.01 -11.15
C PRO A 24 8.80 -14.08 -12.68
N PRO A 25 9.39 -13.16 -13.49
CA PRO A 25 10.37 -12.09 -13.13
C PRO A 25 9.76 -10.83 -12.49
N VAL A 26 8.57 -10.44 -12.90
CA VAL A 26 7.91 -9.26 -12.37
C VAL A 26 6.74 -9.83 -11.60
N CYS A 27 6.81 -9.74 -10.28
CA CYS A 27 5.81 -10.32 -9.36
C CYS A 27 4.58 -9.42 -9.13
N ASN A 28 4.46 -8.30 -9.83
CA ASN A 28 3.32 -7.41 -9.56
C ASN A 28 2.54 -6.96 -10.79
N LYS A 29 1.27 -6.64 -10.57
CA LYS A 29 0.43 -6.04 -11.57
C LYS A 29 -0.42 -5.00 -10.86
N LEU A 30 -0.45 -3.78 -11.40
CA LEU A 30 -1.28 -2.69 -10.88
C LEU A 30 -2.72 -2.87 -11.40
N MET A 31 -3.71 -2.91 -10.50
CA MET A 31 -5.12 -2.95 -10.86
C MET A 31 -5.49 -1.51 -11.29
N HIS A 32 -5.06 -0.52 -10.51
CA HIS A 32 -5.31 0.90 -10.79
C HIS A 32 -3.98 1.63 -10.67
N GLN A 33 -3.72 2.58 -11.59
CA GLN A 33 -2.41 3.23 -11.62
C GLN A 33 -2.43 4.75 -11.88
N GLU A 34 -3.52 5.45 -11.49
CA GLU A 34 -3.55 6.89 -11.67
C GLU A 34 -3.09 7.56 -10.37
N GLN A 35 -3.97 8.30 -9.67
CA GLN A 35 -3.60 8.97 -8.43
C GLN A 35 -3.36 7.95 -7.32
N LEU A 36 -4.21 6.91 -7.26
CA LEU A 36 -4.13 5.81 -6.30
C LEU A 36 -3.54 4.57 -7.00
N LYS A 37 -2.43 4.07 -6.48
CA LYS A 37 -1.79 2.86 -7.03
C LYS A 37 -2.30 1.66 -6.24
N VAL A 38 -3.17 0.86 -6.87
CA VAL A 38 -3.76 -0.34 -6.26
C VAL A 38 -3.06 -1.53 -6.87
N MET A 39 -2.10 -2.13 -6.13
CA MET A 39 -1.30 -3.19 -6.74
C MET A 39 -1.40 -4.53 -6.02
N PHE A 40 -1.21 -5.59 -6.80
CA PHE A 40 -1.28 -6.93 -6.31
C PHE A 40 0.07 -7.57 -6.59
N ILE A 41 0.71 -8.13 -5.53
CA ILE A 41 2.09 -8.65 -5.61
C ILE A 41 2.20 -10.09 -5.13
N GLY A 42 2.99 -10.88 -5.84
CA GLY A 42 3.29 -12.26 -5.50
C GLY A 42 4.77 -12.48 -5.17
N GLY A 43 5.17 -13.74 -5.19
CA GLY A 43 6.54 -14.13 -4.93
C GLY A 43 6.92 -15.36 -5.73
N PRO A 44 8.05 -16.02 -5.41
CA PRO A 44 9.03 -15.66 -4.37
C PRO A 44 9.86 -14.44 -4.74
N ASN A 45 10.21 -13.65 -3.73
CA ASN A 45 11.06 -12.47 -3.87
C ASN A 45 11.70 -12.15 -2.51
N THR A 46 12.89 -12.70 -2.27
CA THR A 46 13.68 -12.44 -1.06
C THR A 46 14.76 -11.43 -1.47
N ARG A 47 14.83 -10.30 -0.75
CA ARG A 47 15.71 -9.18 -1.11
C ARG A 47 16.26 -8.43 0.09
N LYS A 48 17.32 -7.64 -0.15
CA LYS A 48 17.97 -6.82 0.87
C LYS A 48 17.79 -5.32 0.64
N ASP A 49 17.11 -4.91 -0.45
CA ASP A 49 16.91 -3.46 -0.68
C ASP A 49 15.77 -2.91 0.16
N TYR A 50 15.96 -1.69 0.66
CA TYR A 50 15.00 -0.96 1.46
C TYR A 50 14.45 0.23 0.69
N HIS A 51 13.15 0.25 0.50
CA HIS A 51 12.44 1.33 -0.19
C HIS A 51 12.12 2.43 0.84
N ILE A 52 12.26 3.69 0.45
CA ILE A 52 11.95 4.88 1.28
C ILE A 52 11.13 5.83 0.40
N GLU A 53 9.99 6.33 0.89
CA GLU A 53 9.14 7.25 0.12
C GLU A 53 8.41 8.22 1.05
N GLU A 54 7.87 9.32 0.49
CA GLU A 54 7.19 10.37 1.24
C GLU A 54 5.71 10.09 1.47
N GLY A 55 5.19 9.09 0.77
CA GLY A 55 3.81 8.65 0.95
C GLY A 55 3.78 7.45 1.87
N GLU A 56 2.56 6.97 2.19
CA GLU A 56 2.36 5.81 3.06
C GLU A 56 2.04 4.58 2.23
N GLU A 57 2.13 3.38 2.84
CA GLU A 57 1.81 2.15 2.12
C GLU A 57 0.90 1.24 2.93
N VAL A 58 -0.27 0.91 2.35
CA VAL A 58 -1.24 -0.03 2.96
C VAL A 58 -0.88 -1.43 2.46
N PHE A 59 -0.71 -2.40 3.39
CA PHE A 59 -0.44 -3.79 3.08
C PHE A 59 -1.58 -4.68 3.56
N TYR A 60 -2.10 -5.54 2.69
CA TYR A 60 -3.13 -6.52 3.09
C TYR A 60 -2.77 -7.84 2.46
N GLN A 61 -2.78 -8.93 3.25
CA GLN A 61 -2.44 -10.23 2.67
C GLN A 61 -3.69 -11.00 2.23
N LEU A 62 -3.89 -11.08 0.91
CA LEU A 62 -5.03 -11.80 0.33
C LEU A 62 -4.83 -13.32 0.42
N GLU A 63 -3.66 -13.80 -0.05
CA GLU A 63 -3.33 -15.22 0.00
C GLU A 63 -1.94 -15.39 0.60
N GLY A 64 -1.85 -16.17 1.67
CA GLY A 64 -0.58 -16.45 2.33
C GLY A 64 0.03 -15.30 3.08
N ASP A 65 1.14 -15.56 3.72
CA ASP A 65 1.84 -14.62 4.59
C ASP A 65 3.00 -13.95 3.89
N MET A 66 3.48 -12.84 4.46
CA MET A 66 4.66 -12.12 3.98
C MET A 66 5.39 -11.58 5.21
N VAL A 67 6.62 -11.09 5.02
CA VAL A 67 7.41 -10.46 6.08
C VAL A 67 7.84 -9.08 5.56
N LEU A 68 7.49 -8.01 6.27
CA LEU A 68 7.95 -6.68 5.88
C LEU A 68 9.06 -6.28 6.83
N ARG A 69 10.31 -6.25 6.33
CA ARG A 69 11.44 -5.87 7.16
C ARG A 69 11.44 -4.35 7.20
N VAL A 70 11.55 -3.77 8.39
CA VAL A 70 11.57 -2.32 8.56
C VAL A 70 12.75 -1.86 9.41
N LEU A 71 13.10 -0.57 9.27
CA LEU A 71 14.05 0.09 10.13
C LEU A 71 13.18 1.00 10.96
N GLU A 72 13.04 0.69 12.25
CA GLU A 72 12.18 1.41 13.17
C GLU A 72 12.98 1.89 14.37
N GLN A 73 13.01 3.21 14.54
CA GLN A 73 13.66 3.92 15.65
C GLN A 73 15.07 3.41 15.98
N GLY A 74 15.86 3.21 14.91
CA GLY A 74 17.24 2.76 14.97
C GLY A 74 17.42 1.26 15.09
N LYS A 75 16.36 0.47 14.83
CA LYS A 75 16.41 -0.98 14.94
C LYS A 75 15.82 -1.71 13.74
N HIS A 76 16.38 -2.88 13.43
CA HIS A 76 15.87 -3.80 12.42
C HIS A 76 14.71 -4.55 13.08
N ARG A 77 13.59 -4.65 12.39
CA ARG A 77 12.41 -5.37 12.88
C ARG A 77 11.75 -6.09 11.72
N ASP A 78 11.27 -7.30 11.97
CA ASP A 78 10.53 -8.06 10.98
C ASP A 78 9.08 -7.95 11.35
N VAL A 79 8.28 -7.43 10.42
CA VAL A 79 6.85 -7.30 10.62
C VAL A 79 6.19 -8.42 9.82
N VAL A 80 5.73 -9.47 10.52
CA VAL A 80 5.04 -10.58 9.87
C VAL A 80 3.63 -10.12 9.57
N ILE A 81 3.21 -10.24 8.30
CA ILE A 81 1.85 -9.92 7.88
C ILE A 81 1.24 -11.21 7.38
N ARG A 82 0.36 -11.81 8.20
CA ARG A 82 -0.30 -13.07 7.88
C ARG A 82 -1.52 -12.88 6.96
N GLN A 83 -1.94 -13.96 6.29
CA GLN A 83 -3.14 -13.93 5.45
C GLN A 83 -4.31 -13.34 6.26
N GLY A 84 -5.01 -12.41 5.64
CA GLY A 84 -6.16 -11.73 6.23
C GLY A 84 -5.80 -10.54 7.08
N GLU A 85 -4.50 -10.28 7.24
CA GLU A 85 -4.05 -9.14 8.07
C GLU A 85 -3.83 -7.92 7.23
N ILE A 86 -4.16 -6.77 7.82
CA ILE A 86 -4.00 -5.43 7.26
C ILE A 86 -3.02 -4.63 8.12
N PHE A 87 -2.23 -3.76 7.47
CA PHE A 87 -1.19 -3.00 8.14
C PHE A 87 -0.91 -1.73 7.35
N LEU A 88 -0.66 -0.64 8.07
CA LEU A 88 -0.36 0.66 7.48
C LEU A 88 1.03 1.12 7.85
N LEU A 89 1.87 1.37 6.83
CA LEU A 89 3.22 1.87 7.01
C LEU A 89 3.22 3.40 6.89
N PRO A 90 3.71 4.13 7.91
CA PRO A 90 3.75 5.59 7.77
C PRO A 90 4.84 6.06 6.77
N ALA A 91 4.82 7.36 6.47
CA ALA A 91 5.77 7.98 5.55
C ALA A 91 7.20 7.84 6.05
N ARG A 92 8.14 7.72 5.10
CA ARG A 92 9.60 7.77 5.25
C ARG A 92 10.22 6.67 6.16
N VAL A 93 9.55 5.52 6.25
CA VAL A 93 10.08 4.36 6.98
C VAL A 93 10.79 3.49 5.93
N PRO A 94 12.10 3.17 6.09
CA PRO A 94 12.75 2.24 5.15
C PRO A 94 12.16 0.84 5.35
N HIS A 95 11.74 0.18 4.24
CA HIS A 95 11.06 -1.12 4.28
C HIS A 95 11.52 -2.06 3.16
N SER A 96 11.63 -3.36 3.46
CA SER A 96 12.10 -4.38 2.51
C SER A 96 11.12 -5.55 2.52
N PRO A 97 10.19 -5.59 1.53
CA PRO A 97 9.17 -6.65 1.53
C PRO A 97 9.70 -8.01 1.10
N GLN A 98 9.41 -9.05 1.89
CA GLN A 98 9.84 -10.42 1.61
C GLN A 98 8.60 -11.19 1.25
N ARG A 99 8.56 -11.75 0.03
CA ARG A 99 7.38 -12.49 -0.43
C ARG A 99 7.71 -13.90 -0.84
N PHE A 100 6.74 -14.81 -0.66
CA PHE A 100 6.91 -16.24 -0.88
C PHE A 100 6.10 -16.75 -2.06
N ALA A 101 6.43 -17.95 -2.55
CA ALA A 101 5.75 -18.56 -3.69
C ALA A 101 4.26 -18.75 -3.39
N ASN A 102 3.42 -18.65 -4.44
CA ASN A 102 1.96 -18.87 -4.38
C ASN A 102 1.23 -17.97 -3.39
N THR A 103 1.71 -16.74 -3.18
CA THR A 103 1.07 -15.76 -2.29
C THR A 103 0.56 -14.58 -3.11
N VAL A 104 -0.36 -13.78 -2.55
CA VAL A 104 -0.92 -12.59 -3.20
C VAL A 104 -1.17 -11.56 -2.13
N GLY A 105 -0.55 -10.41 -2.29
CA GLY A 105 -0.74 -9.30 -1.38
C GLY A 105 -1.23 -8.07 -2.11
N LEU A 106 -2.06 -7.29 -1.43
CA LEU A 106 -2.51 -6.01 -1.92
C LEU A 106 -1.61 -4.95 -1.27
N VAL A 107 -1.10 -4.00 -2.08
CA VAL A 107 -0.37 -2.84 -1.59
C VAL A 107 -1.01 -1.61 -2.23
N VAL A 108 -1.39 -0.64 -1.39
CA VAL A 108 -1.95 0.63 -1.84
C VAL A 108 -0.97 1.76 -1.52
N GLU A 109 -0.58 2.50 -2.55
CA GLU A 109 0.27 3.67 -2.43
C GLU A 109 -0.22 4.74 -3.41
N ARG A 110 0.37 5.94 -3.41
CA ARG A 110 -0.14 7.00 -4.26
C ARG A 110 0.89 7.60 -5.19
N ARG A 111 0.39 8.30 -6.20
CA ARG A 111 1.21 9.05 -7.12
C ARG A 111 1.97 10.09 -6.25
N ARG A 112 3.26 10.27 -6.52
CA ARG A 112 4.08 11.20 -5.76
C ARG A 112 3.85 12.61 -6.25
N LEU A 113 4.01 13.57 -5.34
CA LEU A 113 4.01 14.97 -5.70
C LEU A 113 5.33 15.20 -6.44
N GLU A 114 5.35 16.22 -7.33
CA GLU A 114 6.51 16.61 -8.13
C GLU A 114 7.72 16.87 -7.24
N THR A 115 7.48 17.24 -5.98
CA THR A 115 8.54 17.56 -5.01
C THR A 115 9.11 16.34 -4.27
N GLU A 116 8.41 15.19 -4.31
CA GLU A 116 8.74 13.99 -3.56
C GLU A 116 9.75 13.06 -4.20
N LEU A 117 10.71 12.63 -3.40
CA LEU A 117 11.79 11.74 -3.79
C LEU A 117 11.62 10.36 -3.17
N ASP A 118 11.95 9.34 -3.95
CA ASP A 118 11.94 7.96 -3.49
C ASP A 118 13.39 7.54 -3.36
N GLY A 119 13.67 6.66 -2.42
CA GLY A 119 15.02 6.16 -2.23
C GLY A 119 15.07 4.66 -2.16
N LEU A 120 16.22 4.10 -2.54
CA LEU A 120 16.49 2.67 -2.42
C LEU A 120 17.84 2.54 -1.74
N ARG A 121 17.88 1.81 -0.62
CA ARG A 121 19.10 1.61 0.15
C ARG A 121 19.44 0.15 0.41
N TYR A 122 20.74 -0.14 0.39
CA TYR A 122 21.30 -1.41 0.82
C TYR A 122 22.19 -1.01 1.98
N TYR A 123 22.19 -1.82 3.05
CA TYR A 123 23.00 -1.57 4.26
C TYR A 123 24.15 -2.56 4.36
N VAL A 124 25.18 -2.19 5.11
CA VAL A 124 26.36 -3.04 5.36
C VAL A 124 25.95 -4.11 6.40
N GLY A 125 25.92 -5.37 5.97
CA GLY A 125 25.57 -6.50 6.84
C GLY A 125 24.26 -6.29 7.59
N ASP A 126 24.30 -6.40 8.93
CA ASP A 126 23.12 -6.23 9.80
C ASP A 126 23.06 -4.84 10.47
N THR A 127 23.93 -3.92 10.03
CA THR A 127 24.09 -2.58 10.61
C THR A 127 23.16 -1.53 9.99
N MET A 128 23.20 -0.31 10.54
CA MET A 128 22.46 0.84 10.02
C MET A 128 23.33 1.71 9.07
N ASP A 129 24.58 1.27 8.78
CA ASP A 129 25.49 1.98 7.87
C ASP A 129 25.06 1.67 6.42
N VAL A 130 24.98 2.71 5.59
CA VAL A 130 24.54 2.62 4.20
C VAL A 130 25.70 2.10 3.34
N LEU A 131 25.43 1.06 2.55
CA LEU A 131 26.38 0.43 1.62
C LEU A 131 26.23 1.07 0.24
N PHE A 132 24.98 1.23 -0.21
CA PHE A 132 24.65 1.79 -1.52
C PHE A 132 23.27 2.44 -1.46
N GLU A 133 23.11 3.58 -2.18
CA GLU A 133 21.82 4.26 -2.23
C GLU A 133 21.61 5.01 -3.54
N LYS A 134 20.34 5.05 -3.97
CA LYS A 134 19.95 5.83 -5.15
C LYS A 134 18.62 6.50 -4.87
N TRP A 135 18.52 7.80 -5.19
CA TRP A 135 17.31 8.61 -5.00
C TRP A 135 16.81 9.06 -6.35
N PHE A 136 15.48 9.07 -6.50
CA PHE A 136 14.86 9.36 -7.78
C PHE A 136 13.44 9.88 -7.61
N TYR A 137 12.91 10.45 -8.68
CA TYR A 137 11.53 10.93 -8.75
C TYR A 137 10.73 9.77 -9.35
N CYS A 138 9.89 9.14 -8.50
CA CYS A 138 9.09 7.96 -8.84
C CYS A 138 7.82 8.27 -9.65
N LYS A 139 7.69 7.59 -10.80
CA LYS A 139 6.53 7.68 -11.69
C LYS A 139 5.99 6.25 -11.88
N ASP A 140 6.91 5.27 -12.05
CA ASP A 140 6.60 3.84 -12.23
C ASP A 140 7.69 3.05 -11.47
N LEU A 141 7.44 2.84 -10.15
CA LEU A 141 8.35 2.26 -9.17
C LEU A 141 9.10 0.97 -9.61
N GLY A 142 8.39 -0.15 -9.80
CA GLY A 142 9.01 -1.42 -10.20
C GLY A 142 9.97 -1.28 -11.38
N THR A 143 9.56 -0.50 -12.38
CA THR A 143 10.31 -0.20 -13.60
C THR A 143 11.57 0.60 -13.31
N GLN A 144 11.50 1.60 -12.41
CA GLN A 144 12.66 2.44 -12.05
C GLN A 144 13.60 1.71 -11.07
N LEU A 145 13.04 0.81 -10.25
CA LEU A 145 13.84 0.02 -9.30
C LEU A 145 14.74 -1.01 -9.98
N ALA A 146 14.25 -1.71 -11.03
CA ALA A 146 15.00 -2.76 -11.72
C ALA A 146 16.45 -2.34 -12.12
N PRO A 147 16.68 -1.20 -12.83
CA PRO A 147 18.07 -0.83 -13.16
C PRO A 147 18.94 -0.45 -11.95
N ILE A 148 18.31 0.09 -10.87
CA ILE A 148 19.04 0.47 -9.65
C ILE A 148 19.60 -0.81 -8.97
N ILE A 149 18.75 -1.85 -8.90
CA ILE A 149 19.10 -3.17 -8.33
C ILE A 149 20.23 -3.83 -9.13
N GLN A 150 20.10 -3.85 -10.48
CA GLN A 150 21.10 -4.38 -11.41
C GLN A 150 22.43 -3.61 -11.23
N GLU A 151 22.34 -2.26 -11.05
CA GLU A 151 23.49 -1.40 -10.81
C GLU A 151 24.16 -1.83 -9.51
N PHE A 152 23.36 -2.04 -8.44
CA PHE A 152 23.90 -2.49 -7.17
C PHE A 152 24.63 -3.81 -7.29
N PHE A 153 24.03 -4.82 -7.95
CA PHE A 153 24.65 -6.14 -8.08
C PHE A 153 25.91 -6.14 -8.97
N SER A 154 26.15 -5.05 -9.72
CA SER A 154 27.33 -4.88 -10.56
C SER A 154 28.40 -4.00 -9.90
N SER A 155 28.07 -3.41 -8.75
CA SER A 155 28.94 -2.45 -8.05
C SER A 155 30.09 -3.03 -7.24
N GLU A 156 31.11 -2.18 -6.98
CA GLU A 156 32.27 -2.46 -6.12
C GLU A 156 31.71 -2.69 -4.69
N GLN A 157 30.66 -1.92 -4.33
CA GLN A 157 29.97 -1.99 -3.02
C GLN A 157 29.43 -3.40 -2.75
N TYR A 158 28.77 -4.02 -3.73
CA TYR A 158 28.25 -5.38 -3.58
C TYR A 158 29.40 -6.39 -3.52
N ARG A 159 30.37 -6.25 -4.44
CA ARG A 159 31.52 -7.15 -4.52
C ARG A 159 32.35 -7.17 -3.21
N THR A 160 32.62 -5.99 -2.63
CA THR A 160 33.45 -5.87 -1.43
C THR A 160 32.69 -5.82 -0.10
N GLY A 161 31.42 -5.39 -0.13
CA GLY A 161 30.61 -5.19 1.07
C GLY A 161 30.97 -3.91 1.78
N LYS A 162 31.80 -3.06 1.13
CA LYS A 162 32.29 -1.80 1.66
C LYS A 162 31.68 -0.63 0.88
N PRO A 163 31.19 0.42 1.55
CA PRO A 163 30.63 1.57 0.79
C PRO A 163 31.71 2.43 0.15
N ILE A 164 31.31 3.20 -0.89
CA ILE A 164 32.21 4.19 -1.54
C ILE A 164 31.69 5.54 -1.00
N PRO A 165 32.40 6.19 -0.04
CA PRO A 165 31.86 7.41 0.62
C PRO A 165 31.36 8.51 -0.33
N ASP A 166 32.09 8.74 -1.45
CA ASP A 166 31.71 9.74 -2.46
C ASP A 166 30.38 9.45 -3.14
N GLN A 167 29.94 8.17 -3.12
CA GLN A 167 28.69 7.73 -3.73
C GLN A 167 27.48 7.73 -2.75
N LEU A 168 27.69 8.26 -1.54
CA LEU A 168 26.64 8.40 -0.52
C LEU A 168 26.30 9.87 -0.31
N LEU A 169 25.02 10.16 -0.05
CA LEU A 169 24.56 11.51 0.26
C LEU A 169 25.09 11.86 1.65
N LYS A 170 25.32 13.16 1.88
CA LYS A 170 25.74 13.67 3.19
C LYS A 170 24.62 13.42 4.21
N GLU A 171 23.34 13.51 3.76
CA GLU A 171 22.15 13.28 4.58
C GLU A 171 20.95 12.93 3.68
N PRO A 172 19.89 12.24 4.16
CA PRO A 172 18.76 11.94 3.26
C PRO A 172 18.05 13.22 2.81
N PRO A 173 17.32 13.24 1.66
CA PRO A 173 16.64 14.50 1.24
C PRO A 173 15.52 14.97 2.18
N PHE A 174 15.15 14.16 3.17
CA PHE A 174 14.11 14.47 4.16
C PHE A 174 14.42 13.67 5.43
N PRO A 175 13.91 14.04 6.63
CA PRO A 175 14.17 13.20 7.81
C PRO A 175 13.45 11.86 7.67
N LEU A 176 14.12 10.78 8.13
CA LEU A 176 13.48 9.47 8.10
C LEU A 176 12.51 9.41 9.28
N SER A 177 11.43 8.61 9.15
CA SER A 177 10.40 8.47 10.18
C SER A 177 10.98 8.16 11.56
N THR A 178 10.41 8.74 12.62
CA THR A 178 10.80 8.50 14.03
C THR A 178 9.64 7.74 14.73
N ARG A 179 8.63 7.35 13.97
CA ARG A 179 7.43 6.69 14.48
C ARG A 179 7.59 5.24 14.87
N SER A 180 6.74 4.81 15.82
CA SER A 180 6.64 3.41 16.23
C SER A 180 5.69 2.75 15.23
N ILE A 181 6.05 1.55 14.78
CA ILE A 181 5.34 0.80 13.76
C ILE A 181 4.24 -0.03 14.41
N MET A 182 3.00 0.05 13.88
CA MET A 182 1.86 -0.70 14.41
C MET A 182 1.99 -2.21 14.21
N GLU A 183 1.13 -2.96 14.90
CA GLU A 183 1.04 -4.39 14.74
C GLU A 183 0.02 -4.67 13.64
N PRO A 184 0.31 -5.53 12.65
CA PRO A 184 -0.73 -5.89 11.67
C PRO A 184 -1.92 -6.53 12.40
N MET A 185 -3.14 -6.31 11.91
CA MET A 185 -4.35 -6.84 12.56
C MET A 185 -5.22 -7.60 11.58
N SER A 186 -5.95 -8.62 12.07
CA SER A 186 -6.87 -9.35 11.21
C SER A 186 -7.99 -8.38 10.79
N LEU A 187 -8.18 -8.23 9.48
CA LEU A 187 -9.22 -7.34 8.94
C LEU A 187 -10.63 -7.82 9.36
N ASP A 188 -10.91 -9.10 9.14
CA ASP A 188 -12.19 -9.69 9.53
C ASP A 188 -12.46 -9.59 11.02
N ALA A 189 -11.44 -9.83 11.87
CA ALA A 189 -11.61 -9.75 13.32
C ALA A 189 -11.95 -8.34 13.75
N TRP A 190 -11.31 -7.34 13.10
CA TRP A 190 -11.56 -5.94 13.43
C TRP A 190 -12.97 -5.56 13.02
N LEU A 191 -13.39 -5.94 11.81
CA LEU A 191 -14.73 -5.66 11.29
C LEU A 191 -15.82 -6.26 12.16
N ASP A 192 -15.67 -7.54 12.57
CA ASP A 192 -16.67 -8.18 13.45
C ASP A 192 -16.73 -7.52 14.81
N SER A 193 -15.55 -7.17 15.41
CA SER A 193 -15.51 -6.51 16.73
C SER A 193 -16.22 -5.15 16.74
N HIS A 194 -16.30 -4.47 15.59
CA HIS A 194 -16.95 -3.16 15.49
C HIS A 194 -18.30 -3.22 14.76
N HIS A 195 -18.91 -4.43 14.64
CA HIS A 195 -20.17 -4.61 13.91
C HIS A 195 -21.31 -3.68 14.38
N ARG A 196 -21.44 -3.47 15.71
CA ARG A 196 -22.51 -2.65 16.27
C ARG A 196 -22.40 -1.18 15.85
N GLU A 197 -21.20 -0.58 15.96
CA GLU A 197 -21.00 0.81 15.53
C GLU A 197 -21.18 0.94 14.01
N LEU A 198 -20.65 -0.03 13.24
CA LEU A 198 -20.77 -0.05 11.79
C LEU A 198 -22.22 -0.12 11.31
N GLN A 199 -23.02 -1.00 11.94
CA GLN A 199 -24.40 -1.15 11.52
C GLN A 199 -25.32 -0.06 12.13
N ALA A 200 -24.80 0.80 13.03
CA ALA A 200 -25.58 1.92 13.57
C ALA A 200 -25.41 3.17 12.68
N GLY A 201 -24.70 3.00 11.55
CA GLY A 201 -24.47 4.06 10.57
C GLY A 201 -23.26 4.91 10.82
N THR A 202 -22.32 4.42 11.67
CA THR A 202 -21.09 5.14 11.97
C THR A 202 -19.94 4.57 11.12
N PRO A 203 -19.49 5.25 10.04
CA PRO A 203 -18.31 4.76 9.30
C PRO A 203 -17.08 4.95 10.20
N LEU A 204 -16.16 3.96 10.19
CA LEU A 204 -15.00 3.97 11.08
C LEU A 204 -13.65 3.87 10.40
N SER A 205 -12.71 4.72 10.83
CA SER A 205 -11.34 4.72 10.31
C SER A 205 -10.57 3.59 11.01
N LEU A 206 -9.97 2.68 10.22
CA LEU A 206 -9.21 1.54 10.75
C LEU A 206 -7.97 2.01 11.49
N PHE A 207 -7.29 3.06 11.00
CA PHE A 207 -6.02 3.48 11.55
C PHE A 207 -5.99 4.87 12.24
N GLY A 208 -7.05 5.67 12.11
CA GLY A 208 -7.14 6.96 12.78
C GLY A 208 -6.53 8.19 12.11
N ASP A 209 -6.55 9.31 12.83
CA ASP A 209 -6.12 10.60 12.28
C ASP A 209 -4.61 10.90 12.31
N THR A 210 -3.76 10.00 12.84
CA THR A 210 -2.30 10.27 12.85
C THR A 210 -1.64 9.82 11.52
N TYR A 211 -2.43 9.42 10.51
CA TYR A 211 -1.91 9.01 9.21
C TYR A 211 -2.55 9.81 8.09
N GLU A 212 -1.83 9.92 6.96
CA GLU A 212 -2.33 10.55 5.74
C GLU A 212 -3.48 9.68 5.19
N THR A 213 -3.21 8.38 5.04
CA THR A 213 -4.13 7.39 4.48
C THR A 213 -5.38 7.32 5.32
N GLN A 214 -6.50 7.13 4.63
CA GLN A 214 -7.74 6.86 5.32
C GLN A 214 -8.36 5.59 4.74
N VAL A 215 -8.38 4.52 5.53
CA VAL A 215 -9.06 3.27 5.18
C VAL A 215 -10.30 3.31 6.08
N ILE A 216 -11.48 3.46 5.47
CA ILE A 216 -12.71 3.57 6.25
C ILE A 216 -13.64 2.37 6.00
N ALA A 217 -14.17 1.79 7.08
CA ALA A 217 -15.14 0.68 7.06
C ALA A 217 -16.56 1.26 7.13
N TYR A 218 -17.48 0.72 6.32
CA TYR A 218 -18.86 1.17 6.26
C TYR A 218 -19.81 0.00 6.36
N GLY A 219 -20.85 0.22 7.14
CA GLY A 219 -21.98 -0.70 7.27
C GLY A 219 -23.13 -0.07 6.51
N GLN A 220 -24.35 -0.45 6.87
CA GLN A 220 -25.58 0.11 6.27
C GLN A 220 -25.60 1.66 6.31
N GLY A 221 -26.11 2.28 5.27
CA GLY A 221 -26.20 3.74 5.20
C GLY A 221 -26.13 4.33 3.81
N SER A 222 -26.09 5.68 3.76
CA SER A 222 -26.00 6.49 2.55
C SER A 222 -24.79 7.41 2.64
N SER A 223 -24.13 7.63 1.50
CA SER A 223 -22.96 8.50 1.37
C SER A 223 -23.03 9.26 0.07
N GLU A 224 -22.42 10.43 0.07
CA GLU A 224 -22.33 11.28 -1.11
C GLU A 224 -20.86 11.56 -1.31
N GLY A 225 -20.37 11.21 -2.49
CA GLY A 225 -18.98 11.43 -2.87
C GLY A 225 -18.92 12.67 -3.72
N LEU A 226 -18.14 13.65 -3.29
CA LEU A 226 -17.96 14.92 -3.99
C LEU A 226 -16.76 14.84 -4.91
N ARG A 227 -16.74 15.64 -6.00
CA ARG A 227 -15.58 15.66 -6.93
C ARG A 227 -14.31 16.06 -6.15
N GLN A 228 -13.26 15.20 -6.18
CA GLN A 228 -11.99 15.41 -5.49
C GLN A 228 -10.84 15.28 -6.48
N ASN A 229 -9.67 15.87 -6.16
CA ASN A 229 -8.50 15.72 -7.01
C ASN A 229 -7.72 14.42 -6.67
N VAL A 230 -8.37 13.49 -5.97
CA VAL A 230 -7.80 12.20 -5.55
C VAL A 230 -8.73 11.04 -5.95
N ASP A 231 -8.18 9.86 -6.17
CA ASP A 231 -9.00 8.69 -6.49
C ASP A 231 -9.48 8.08 -5.19
N VAL A 232 -10.60 7.35 -5.24
CA VAL A 232 -11.11 6.62 -4.08
C VAL A 232 -11.38 5.19 -4.52
N TRP A 233 -10.82 4.20 -3.80
CA TRP A 233 -11.07 2.80 -4.13
C TRP A 233 -12.07 2.20 -3.13
N LEU A 234 -13.20 1.69 -3.63
CA LEU A 234 -14.25 1.05 -2.85
C LEU A 234 -14.15 -0.45 -2.99
N TRP A 235 -14.26 -1.19 -1.87
CA TRP A 235 -14.22 -2.64 -1.87
C TRP A 235 -15.35 -3.22 -1.01
N GLN A 236 -16.37 -3.81 -1.66
CA GLN A 236 -17.51 -4.44 -0.99
C GLN A 236 -17.07 -5.82 -0.46
N LEU A 237 -16.98 -5.98 0.88
CA LEU A 237 -16.52 -7.24 1.51
C LEU A 237 -17.64 -8.22 1.81
N GLU A 238 -18.74 -7.74 2.41
CA GLU A 238 -19.88 -8.58 2.76
C GLU A 238 -21.14 -7.89 2.31
N GLY A 239 -22.08 -8.68 1.80
CA GLY A 239 -23.37 -8.18 1.31
C GLY A 239 -23.24 -7.31 0.08
N SER A 240 -24.25 -6.47 -0.17
CA SER A 240 -24.26 -5.64 -1.36
C SER A 240 -24.53 -4.17 -1.12
N SER A 241 -24.24 -3.37 -2.13
CA SER A 241 -24.48 -1.94 -2.15
C SER A 241 -24.64 -1.47 -3.59
N VAL A 242 -25.07 -0.22 -3.77
CA VAL A 242 -25.26 0.35 -5.09
C VAL A 242 -24.56 1.70 -5.15
N VAL A 243 -23.68 1.87 -6.14
CA VAL A 243 -23.00 3.13 -6.38
C VAL A 243 -23.65 3.74 -7.63
N THR A 244 -24.11 5.00 -7.54
CA THR A 244 -24.69 5.75 -8.67
C THR A 244 -23.61 6.71 -9.09
N MET A 245 -23.05 6.49 -10.28
CA MET A 245 -21.88 7.24 -10.79
C MET A 245 -21.99 7.42 -12.30
N GLY A 246 -21.77 8.64 -12.77
CA GLY A 246 -21.81 9.01 -14.18
C GLY A 246 -23.08 8.60 -14.90
N GLY A 247 -24.23 8.74 -14.23
CA GLY A 247 -25.54 8.40 -14.76
C GLY A 247 -25.87 6.92 -14.77
N ARG A 248 -25.02 6.07 -14.15
CA ARG A 248 -25.23 4.62 -14.10
C ARG A 248 -25.37 4.14 -12.65
N ARG A 249 -26.14 3.08 -12.44
CA ARG A 249 -26.32 2.47 -11.13
C ARG A 249 -25.53 1.16 -11.19
N LEU A 250 -24.45 1.08 -10.38
CA LEU A 250 -23.55 -0.07 -10.34
C LEU A 250 -23.74 -0.86 -9.05
N SER A 251 -24.22 -2.10 -9.17
CA SER A 251 -24.47 -2.98 -8.03
C SER A 251 -23.18 -3.68 -7.62
N LEU A 252 -22.72 -3.44 -6.39
CA LEU A 252 -21.51 -4.07 -5.86
C LEU A 252 -21.91 -5.32 -5.11
N ALA A 253 -21.56 -6.48 -5.64
CA ALA A 253 -21.83 -7.75 -5.00
C ALA A 253 -20.66 -8.07 -4.04
N PRO A 254 -20.73 -9.12 -3.17
CA PRO A 254 -19.57 -9.43 -2.29
C PRO A 254 -18.29 -9.64 -3.10
N ASP A 255 -17.21 -8.98 -2.67
CA ASP A 255 -15.84 -8.95 -3.24
C ASP A 255 -15.70 -8.00 -4.46
N ASP A 256 -16.78 -7.28 -4.84
CA ASP A 256 -16.69 -6.33 -5.95
C ASP A 256 -16.02 -5.05 -5.47
N SER A 257 -15.21 -4.47 -6.34
CA SER A 257 -14.49 -3.22 -6.08
C SER A 257 -14.75 -2.25 -7.23
N LEU A 258 -14.63 -0.97 -6.91
CA LEU A 258 -14.86 0.10 -7.86
C LEU A 258 -13.93 1.26 -7.56
N LEU A 259 -13.24 1.73 -8.59
CA LEU A 259 -12.37 2.88 -8.45
C LEU A 259 -13.15 4.13 -8.86
N VAL A 260 -13.29 5.09 -7.94
CA VAL A 260 -13.93 6.37 -8.23
C VAL A 260 -12.78 7.31 -8.63
N LEU A 261 -12.65 7.57 -9.94
CA LEU A 261 -11.59 8.46 -10.48
C LEU A 261 -11.74 9.86 -9.99
N ALA A 262 -10.60 10.55 -9.73
CA ALA A 262 -10.57 11.96 -9.37
C ALA A 262 -11.40 12.77 -10.37
N GLY A 263 -12.23 13.66 -9.85
CA GLY A 263 -13.09 14.52 -10.67
C GLY A 263 -14.46 13.93 -10.99
N THR A 264 -14.80 12.79 -10.36
CA THR A 264 -16.09 12.09 -10.53
C THR A 264 -16.83 12.11 -9.19
N SER A 265 -18.13 12.43 -9.21
CA SER A 265 -18.95 12.39 -8.00
C SER A 265 -19.77 11.09 -8.01
N TYR A 266 -20.23 10.64 -6.83
CA TYR A 266 -21.02 9.43 -6.72
C TYR A 266 -21.98 9.46 -5.54
N ALA A 267 -22.96 8.56 -5.57
CA ALA A 267 -23.90 8.36 -4.49
C ALA A 267 -23.77 6.88 -4.13
N TRP A 268 -23.67 6.59 -2.82
CA TRP A 268 -23.48 5.23 -2.34
C TRP A 268 -24.58 4.83 -1.35
N GLU A 269 -25.29 3.71 -1.66
CA GLU A 269 -26.37 3.16 -0.84
C GLU A 269 -26.02 1.74 -0.43
N ARG A 270 -25.74 1.54 0.86
CA ARG A 270 -25.32 0.26 1.42
C ARG A 270 -26.45 -0.39 2.22
N THR A 271 -26.62 -1.70 2.01
CA THR A 271 -27.71 -2.47 2.65
C THR A 271 -27.42 -2.88 4.11
N GLN A 272 -28.48 -3.28 4.85
CA GLN A 272 -28.34 -3.77 6.22
C GLN A 272 -27.39 -5.00 6.24
N GLY A 273 -26.48 -5.04 7.20
CA GLY A 273 -25.54 -6.14 7.35
C GLY A 273 -24.39 -6.16 6.35
N SER A 274 -24.36 -5.22 5.37
CA SER A 274 -23.27 -5.19 4.40
C SER A 274 -22.04 -4.54 5.04
N VAL A 275 -20.82 -4.90 4.56
CA VAL A 275 -19.56 -4.34 5.06
C VAL A 275 -18.70 -4.01 3.85
N ALA A 276 -18.16 -2.78 3.81
CA ALA A 276 -17.32 -2.33 2.72
C ALA A 276 -16.21 -1.40 3.19
N LEU A 277 -15.15 -1.27 2.38
CA LEU A 277 -14.06 -0.32 2.65
C LEU A 277 -13.96 0.72 1.55
N SER A 278 -13.44 1.91 1.91
CA SER A 278 -13.00 2.95 0.97
C SER A 278 -11.53 3.18 1.33
N VAL A 279 -10.67 3.38 0.32
CA VAL A 279 -9.25 3.65 0.53
C VAL A 279 -8.94 4.98 -0.15
N THR A 280 -8.39 5.94 0.62
CA THR A 280 -7.97 7.26 0.13
C THR A 280 -6.59 7.57 0.69
N GLN A 281 -5.73 8.15 -0.17
CA GLN A 281 -4.41 8.68 0.15
C GLN A 281 -4.31 10.07 -0.47
N ASP A 282 -4.84 11.03 0.25
CA ASP A 282 -4.86 12.42 -0.21
C ASP A 282 -3.56 13.09 0.19
N PRO A 283 -2.69 13.47 -0.80
CA PRO A 283 -1.43 14.15 -0.47
C PRO A 283 -1.57 15.44 0.35
N ALA A 284 -2.74 16.11 0.29
CA ALA A 284 -3.01 17.31 1.10
C ALA A 284 -3.05 16.98 2.60
N CYS A 285 -3.21 15.69 2.95
CA CYS A 285 -3.28 15.17 4.34
C CYS A 285 -1.93 14.68 4.84
N LYS A 286 -0.86 14.89 4.05
CA LYS A 286 0.50 14.49 4.41
C LYS A 286 0.83 15.06 5.78
N LYS A 287 1.39 14.23 6.66
CA LYS A 287 1.74 14.66 8.01
C LYS A 287 2.99 15.56 8.06
N PRO A 288 2.98 16.65 8.88
CA PRO A 288 4.19 17.50 8.97
C PRO A 288 5.32 16.84 9.77
N LEU A 289 6.36 17.64 10.13
CA LEU A 289 7.57 17.28 10.89
C LEU A 289 8.48 16.38 10.07
ZN ZN B . 7.47 0.71 -0.68
S SO4 C . 7.91 11.49 12.05
O1 SO4 C . 7.49 12.37 10.96
O2 SO4 C . 9.24 11.94 12.50
O3 SO4 C . 8.01 10.14 11.56
O4 SO4 C . 6.96 11.55 13.16
S SO4 D . 4.87 7.36 17.61
O1 SO4 D . 4.62 6.47 16.48
O2 SO4 D . 5.79 8.43 17.20
O3 SO4 D . 3.60 7.94 18.05
O4 SO4 D . 5.47 6.61 18.72
S SO4 E . 8.44 -7.53 -7.33
O1 SO4 E . 8.99 -8.48 -8.31
O2 SO4 E . 9.52 -6.68 -6.87
O3 SO4 E . 7.89 -8.26 -6.19
O4 SO4 E . 7.40 -6.72 -7.93
S SO4 F . -19.50 13.81 -12.27
O1 SO4 F . -18.60 14.29 -13.32
O2 SO4 F . -19.41 14.69 -11.10
O3 SO4 F . -19.14 12.46 -11.92
O4 SO4 F . -20.89 13.83 -12.75
S SO4 G . -11.83 -10.53 1.79
O1 SO4 G . -12.48 -10.40 0.46
O2 SO4 G . -10.67 -9.63 1.85
O3 SO4 G . -12.76 -10.17 2.85
O4 SO4 G . -11.38 -11.91 1.98
#